data_2CWQ
#
_entry.id   2CWQ
#
_cell.length_a   107.102
_cell.length_b   107.102
_cell.length_c   55.455
_cell.angle_alpha   90.00
_cell.angle_beta   90.00
_cell.angle_gamma   120.00
#
_symmetry.space_group_name_H-M   'P 31 2 1'
#
loop_
_entity.id
_entity.type
_entity.pdbx_description
1 polymer 'hypothetical protein TTHA0727'
2 water water
#
_entity_poly.entity_id   1
_entity_poly.type   'polypeptide(L)'
_entity_poly.pdbx_seq_one_letter_code
;(MSE)GSSHHHHHHSSGLVPRGSH(MSE)DRTHERVLQA(MSE)AENLGEGLPRAIPLLAEKAPGLLLEHGRSWTYA
(MSE)PEKGALDEKTRTLILLGIALATGSEACVKA(MSE)AHRAKRLGLSKEALLETLKIARQAQANAVLGHAAPLLEVL
;
_entity_poly.pdbx_strand_id   A,B,C
#
# COMPACT_ATOMS: atom_id res chain seq x y z
N SER A 12 6.43 26.79 5.84
CA SER A 12 7.31 25.82 6.55
C SER A 12 6.98 24.36 6.18
N GLY A 13 5.90 24.21 5.42
CA GLY A 13 5.47 22.89 4.98
C GLY A 13 6.45 22.26 3.99
N LEU A 14 6.26 20.97 3.72
CA LEU A 14 7.13 20.25 2.80
C LEU A 14 7.03 20.81 1.39
N VAL A 15 5.82 21.24 1.02
CA VAL A 15 5.57 21.84 -0.29
C VAL A 15 4.89 23.19 -0.05
N PRO A 16 5.11 24.16 -0.95
CA PRO A 16 4.54 25.52 -0.86
C PRO A 16 3.02 25.63 -0.86
N ARG A 17 2.53 26.76 -0.37
CA ARG A 17 1.10 27.05 -0.32
C ARG A 17 0.50 26.79 -1.70
N GLY A 18 -0.59 26.02 -1.74
CA GLY A 18 -1.26 25.73 -3.00
C GLY A 18 -0.46 25.20 -4.19
N SER A 19 0.73 24.67 -3.94
CA SER A 19 1.55 24.15 -5.02
C SER A 19 0.90 22.97 -5.74
N HIS A 20 0.06 22.20 -5.03
CA HIS A 20 -0.58 21.06 -5.70
C HIS A 20 -1.65 21.52 -6.68
N ASP A 22 -1.02 23.88 -8.94
CA ASP A 22 -0.28 24.37 -10.11
C ASP A 22 -0.61 23.62 -11.38
N ARG A 23 -0.30 24.22 -12.53
CA ARG A 23 -0.55 23.58 -13.81
C ARG A 23 0.65 22.79 -14.37
N THR A 24 1.68 22.63 -13.53
CA THR A 24 2.86 21.82 -13.83
C THR A 24 3.22 21.23 -12.47
N HIS A 25 3.97 20.13 -12.49
CA HIS A 25 4.40 19.45 -11.28
C HIS A 25 5.65 20.10 -10.67
N GLU A 26 6.25 21.03 -11.40
CA GLU A 26 7.51 21.66 -10.98
C GLU A 26 7.64 22.24 -9.57
N ARG A 27 6.64 22.98 -9.10
CA ARG A 27 6.76 23.56 -7.75
C ARG A 27 6.83 22.47 -6.69
N VAL A 28 5.94 21.50 -6.79
CA VAL A 28 5.93 20.40 -5.85
C VAL A 28 7.27 19.68 -5.87
N LEU A 29 7.74 19.34 -7.06
CA LEU A 29 9.01 18.62 -7.22
C LEU A 29 10.21 19.38 -6.63
N GLN A 30 10.29 20.66 -6.94
CA GLN A 30 11.37 21.52 -6.46
C GLN A 30 11.43 21.66 -4.95
N ALA A 31 10.27 21.81 -4.33
CA ALA A 31 10.19 21.94 -2.88
C ALA A 31 10.64 20.65 -2.19
N ALA A 33 12.70 18.31 -3.49
CA ALA A 33 14.12 18.12 -3.74
C ALA A 33 14.89 19.03 -2.79
N GLU A 34 14.37 20.23 -2.62
CA GLU A 34 14.93 21.26 -1.78
C GLU A 34 14.86 20.90 -0.29
N ASN A 35 13.69 20.45 0.14
CA ASN A 35 13.48 20.12 1.55
C ASN A 35 13.99 18.75 2.00
N LEU A 36 14.13 17.83 1.06
CA LEU A 36 14.60 16.48 1.37
C LEU A 36 16.05 16.24 0.94
N GLY A 37 16.57 17.08 0.05
CA GLY A 37 17.93 16.93 -0.41
C GLY A 37 18.26 15.53 -0.88
N GLU A 38 19.37 14.98 -0.40
CA GLU A 38 19.80 13.65 -0.77
C GLU A 38 18.80 12.56 -0.32
N GLY A 39 17.88 12.95 0.56
CA GLY A 39 16.89 12.00 1.03
C GLY A 39 15.64 11.93 0.16
N LEU A 40 15.63 12.66 -0.96
CA LEU A 40 14.48 12.61 -1.87
C LEU A 40 14.37 11.18 -2.38
N PRO A 41 13.19 10.55 -2.22
CA PRO A 41 13.05 9.17 -2.69
C PRO A 41 13.21 9.11 -4.21
N ARG A 42 13.77 8.01 -4.68
CA ARG A 42 13.99 7.78 -6.10
C ARG A 42 12.68 7.83 -6.87
N ALA A 43 11.60 7.38 -6.23
CA ALA A 43 10.29 7.41 -6.88
C ALA A 43 9.75 8.81 -7.21
N ILE A 44 10.16 9.84 -6.48
CA ILE A 44 9.63 11.19 -6.75
C ILE A 44 9.95 11.71 -8.17
N PRO A 45 11.24 11.72 -8.57
CA PRO A 45 11.55 12.20 -9.93
C PRO A 45 10.86 11.32 -10.98
N LEU A 46 10.76 10.03 -10.70
CA LEU A 46 10.11 9.12 -11.63
C LEU A 46 8.62 9.48 -11.79
N LEU A 47 7.97 9.85 -10.69
CA LEU A 47 6.57 10.28 -10.75
C LEU A 47 6.47 11.57 -11.59
N ALA A 48 7.35 12.53 -11.32
CA ALA A 48 7.36 13.79 -12.09
C ALA A 48 7.38 13.49 -13.58
N GLU A 49 8.21 12.53 -13.97
CA GLU A 49 8.35 12.15 -15.36
C GLU A 49 7.18 11.33 -15.92
N LYS A 50 6.81 10.28 -15.21
CA LYS A 50 5.79 9.38 -15.70
C LYS A 50 4.36 9.50 -15.22
N ALA A 51 4.15 10.16 -14.10
CA ALA A 51 2.80 10.30 -13.53
C ALA A 51 2.78 11.61 -12.75
N PRO A 52 2.98 12.73 -13.44
CA PRO A 52 2.98 14.01 -12.73
C PRO A 52 1.71 14.34 -11.94
N GLY A 53 0.55 13.89 -12.44
CA GLY A 53 -0.71 14.09 -11.74
C GLY A 53 -0.67 13.38 -10.39
N LEU A 54 -0.09 12.18 -10.34
CA LEU A 54 0.00 11.45 -9.07
C LEU A 54 0.97 12.17 -8.12
N LEU A 55 1.98 12.86 -8.67
CA LEU A 55 2.92 13.59 -7.80
C LEU A 55 2.17 14.76 -7.17
N LEU A 56 1.33 15.44 -7.95
CA LEU A 56 0.55 16.57 -7.39
C LEU A 56 -0.47 16.05 -6.39
N GLU A 57 -1.00 14.85 -6.63
CA GLU A 57 -1.98 14.28 -5.69
C GLU A 57 -1.24 13.95 -4.39
N HIS A 58 0.00 13.51 -4.52
CA HIS A 58 0.83 13.21 -3.37
C HIS A 58 0.99 14.49 -2.56
N GLY A 59 1.30 15.59 -3.25
CA GLY A 59 1.46 16.87 -2.55
C GLY A 59 0.16 17.36 -1.93
N ARG A 60 -0.95 17.18 -2.64
CA ARG A 60 -2.25 17.62 -2.12
C ARG A 60 -2.55 16.85 -0.84
N SER A 61 -2.38 15.54 -0.89
CA SER A 61 -2.66 14.69 0.25
C SER A 61 -1.76 15.04 1.43
N TRP A 62 -0.49 15.32 1.14
CA TRP A 62 0.43 15.67 2.22
C TRP A 62 -0.07 16.93 2.95
N THR A 63 -0.54 17.90 2.18
CA THR A 63 -0.98 19.15 2.77
C THR A 63 -2.31 19.04 3.48
N TYR A 64 -3.15 18.12 3.02
CA TYR A 64 -4.45 17.91 3.65
C TYR A 64 -4.18 17.38 5.07
N ALA A 65 -3.24 16.45 5.17
CA ALA A 65 -2.91 15.86 6.47
C ALA A 65 -2.18 16.82 7.40
N PRO A 67 -1.76 20.67 7.36
CA PRO A 67 -1.93 22.05 6.85
C PRO A 67 -0.88 23.02 7.38
N GLU A 68 -0.54 24.01 6.56
CA GLU A 68 0.47 24.99 6.93
C GLU A 68 0.34 25.49 8.37
N LYS A 69 -0.89 25.74 8.84
CA LYS A 69 -1.10 26.16 10.22
C LYS A 69 -2.05 25.14 10.83
N GLY A 70 -1.47 24.02 11.24
CA GLY A 70 -2.29 22.96 11.78
C GLY A 70 -2.25 22.77 13.28
N ALA A 71 -2.58 21.56 13.68
CA ALA A 71 -2.64 21.21 15.09
C ALA A 71 -1.28 20.89 15.69
N LEU A 72 -0.34 20.44 14.87
CA LEU A 72 1.00 20.07 15.36
C LEU A 72 2.07 20.86 14.62
N ASP A 73 3.18 21.13 15.29
CA ASP A 73 4.26 21.87 14.62
C ASP A 73 5.08 20.95 13.70
N GLU A 74 5.93 21.51 12.85
CA GLU A 74 6.71 20.70 11.91
C GLU A 74 7.67 19.71 12.56
N LYS A 75 8.20 20.06 13.72
CA LYS A 75 9.10 19.16 14.43
C LYS A 75 8.32 17.90 14.75
N THR A 76 7.20 18.07 15.43
CA THR A 76 6.36 16.93 15.83
C THR A 76 5.92 16.10 14.63
N ARG A 77 5.45 16.77 13.57
CA ARG A 77 5.02 16.03 12.38
C ARG A 77 6.15 15.18 11.82
N THR A 78 7.35 15.76 11.72
CA THR A 78 8.49 15.05 11.18
C THR A 78 8.87 13.85 12.05
N LEU A 79 8.86 14.03 13.37
CA LEU A 79 9.23 12.92 14.26
C LEU A 79 8.20 11.80 14.21
N ILE A 80 6.92 12.14 14.03
CA ILE A 80 5.89 11.12 13.93
C ILE A 80 6.15 10.33 12.62
N LEU A 81 6.36 11.05 11.52
CA LEU A 81 6.64 10.39 10.24
C LEU A 81 7.89 9.54 10.31
N LEU A 82 8.90 10.04 11.03
CA LEU A 82 10.17 9.32 11.17
C LEU A 82 9.96 8.04 11.99
N GLY A 83 9.22 8.16 13.09
CA GLY A 83 8.94 6.98 13.91
C GLY A 83 8.22 5.92 13.10
N ILE A 84 7.19 6.32 12.37
CA ILE A 84 6.45 5.37 11.57
C ILE A 84 7.33 4.69 10.55
N ALA A 85 8.16 5.46 9.82
CA ALA A 85 9.05 4.92 8.80
C ALA A 85 9.96 3.85 9.39
N LEU A 86 10.56 4.14 10.53
CA LEU A 86 11.44 3.21 11.20
C LEU A 86 10.68 1.95 11.64
N ALA A 87 9.53 2.12 12.27
CA ALA A 87 8.75 0.97 12.74
C ALA A 87 8.22 0.06 11.62
N THR A 88 7.93 0.64 10.45
CA THR A 88 7.41 -0.13 9.31
C THR A 88 8.50 -0.54 8.33
N GLY A 89 9.73 -0.12 8.58
CA GLY A 89 10.81 -0.50 7.68
C GLY A 89 10.73 0.11 6.28
N SER A 90 10.22 1.33 6.17
CA SER A 90 10.16 2.01 4.87
C SER A 90 11.49 2.73 4.69
N GLU A 91 12.46 2.11 4.01
CA GLU A 91 13.76 2.70 3.81
C GLU A 91 13.66 4.09 3.18
N ALA A 92 12.85 4.24 2.13
CA ALA A 92 12.73 5.55 1.48
C ALA A 92 12.23 6.63 2.44
N CYS A 93 11.24 6.29 3.27
CA CYS A 93 10.71 7.28 4.22
C CYS A 93 11.69 7.55 5.36
N VAL A 94 12.43 6.55 5.79
CA VAL A 94 13.41 6.81 6.86
C VAL A 94 14.44 7.83 6.35
N LYS A 95 14.96 7.59 5.15
CA LYS A 95 15.99 8.48 4.61
C LYS A 95 15.43 9.88 4.37
N ALA A 96 14.21 9.93 3.84
CA ALA A 96 13.59 11.21 3.56
C ALA A 96 13.35 12.02 4.84
N ALA A 98 14.82 11.64 7.74
CA ALA A 98 16.07 11.95 8.43
C ALA A 98 16.64 13.22 7.85
N HIS A 99 16.63 13.34 6.52
CA HIS A 99 17.14 14.53 5.88
C HIS A 99 16.23 15.74 6.11
N ARG A 100 14.94 15.48 6.16
CA ARG A 100 13.97 16.51 6.42
C ARG A 100 14.29 17.09 7.80
N ALA A 101 14.47 16.19 8.77
CA ALA A 101 14.78 16.60 10.16
C ALA A 101 16.09 17.40 10.22
N LYS A 102 17.10 16.95 9.48
CA LYS A 102 18.40 17.63 9.46
C LYS A 102 18.24 19.07 8.92
N ARG A 103 17.53 19.21 7.81
CA ARG A 103 17.32 20.55 7.26
C ARG A 103 16.49 21.44 8.18
N LEU A 104 15.61 20.86 8.99
CA LEU A 104 14.84 21.69 9.93
C LEU A 104 15.68 21.98 11.18
N GLY A 105 16.84 21.34 11.29
CA GLY A 105 17.68 21.55 12.45
C GLY A 105 17.17 20.90 13.72
N LEU A 106 16.44 19.78 13.60
CA LEU A 106 15.96 19.08 14.80
C LEU A 106 17.20 18.58 15.54
N SER A 107 17.13 18.52 16.86
CA SER A 107 18.31 18.14 17.66
C SER A 107 18.64 16.66 17.63
N LYS A 108 19.91 16.37 17.82
CA LYS A 108 20.36 14.99 17.86
C LYS A 108 19.60 14.25 18.97
N GLU A 109 19.45 14.87 20.13
CA GLU A 109 18.77 14.19 21.25
C GLU A 109 17.30 13.86 20.92
N ALA A 110 16.64 14.72 20.17
CA ALA A 110 15.24 14.49 19.78
C ALA A 110 15.16 13.33 18.77
N LEU A 111 16.10 13.30 17.83
CA LEU A 111 16.10 12.26 16.81
C LEU A 111 16.43 10.90 17.42
N LEU A 112 17.40 10.88 18.33
CA LEU A 112 17.77 9.64 18.98
C LEU A 112 16.62 9.16 19.86
N GLU A 113 15.90 10.08 20.52
CA GLU A 113 14.78 9.63 21.36
C GLU A 113 13.68 9.05 20.49
N THR A 114 13.48 9.66 19.32
CA THR A 114 12.47 9.17 18.38
C THR A 114 12.83 7.75 17.96
N LEU A 115 14.12 7.51 17.70
CA LEU A 115 14.60 6.19 17.32
C LEU A 115 14.34 5.19 18.46
N LYS A 116 14.64 5.58 19.71
CA LYS A 116 14.40 4.72 20.85
C LYS A 116 12.91 4.41 20.99
N ILE A 117 12.06 5.39 20.68
CA ILE A 117 10.62 5.23 20.79
C ILE A 117 10.06 4.28 19.75
N ALA A 118 10.59 4.37 18.54
CA ALA A 118 10.14 3.50 17.44
C ALA A 118 10.52 2.05 17.78
N ARG A 119 11.71 1.89 18.33
CA ARG A 119 12.21 0.59 18.75
C ARG A 119 11.31 0.04 19.87
N GLN A 120 10.97 0.88 20.85
CA GLN A 120 10.09 0.47 21.96
C GLN A 120 8.70 0.08 21.45
N ALA A 121 8.19 0.85 20.50
CA ALA A 121 6.85 0.60 19.94
C ALA A 121 6.75 -0.78 19.34
N GLN A 122 7.75 -1.16 18.57
CA GLN A 122 7.75 -2.47 17.93
C GLN A 122 7.83 -3.57 19.00
N ALA A 123 8.60 -3.33 20.06
CA ALA A 123 8.69 -4.31 21.14
C ALA A 123 7.33 -4.38 21.87
N ASN A 124 6.76 -3.21 22.13
CA ASN A 124 5.45 -3.11 22.77
C ASN A 124 4.40 -3.93 22.01
N ALA A 125 4.39 -3.79 20.70
CA ALA A 125 3.40 -4.49 19.89
C ALA A 125 3.46 -6.00 20.05
N VAL A 126 4.66 -6.55 20.18
CA VAL A 126 4.80 -8.00 20.36
C VAL A 126 4.10 -8.42 21.65
N LEU A 127 4.32 -7.66 22.73
CA LEU A 127 3.65 -8.01 23.99
C LEU A 127 2.13 -7.87 23.82
N GLY A 128 1.70 -6.84 23.09
CA GLY A 128 0.27 -6.64 22.88
C GLY A 128 -0.36 -7.77 22.10
N HIS A 129 0.43 -8.47 21.29
CA HIS A 129 -0.04 -9.59 20.49
C HIS A 129 0.12 -10.91 21.19
N ALA A 130 0.69 -10.87 22.40
CA ALA A 130 0.97 -12.07 23.17
C ALA A 130 -0.13 -12.63 24.06
N ALA A 131 -1.28 -11.98 24.14
CA ALA A 131 -2.31 -12.51 25.04
C ALA A 131 -2.70 -13.97 24.85
N PRO A 132 -2.95 -14.41 23.60
CA PRO A 132 -3.34 -15.81 23.40
C PRO A 132 -2.31 -16.80 23.90
N LEU A 133 -1.04 -16.41 23.87
CA LEU A 133 0.02 -17.27 24.33
C LEU A 133 0.05 -17.21 25.86
N LEU A 134 0.06 -15.99 26.40
CA LEU A 134 0.11 -15.85 27.85
C LEU A 134 -1.07 -16.57 28.51
N GLU A 135 -2.22 -16.55 27.86
CA GLU A 135 -3.39 -17.20 28.43
C GLU A 135 -3.24 -18.69 28.70
N VAL A 136 -2.40 -19.38 27.93
CA VAL A 136 -2.24 -20.81 28.14
C VAL A 136 -1.07 -21.24 29.02
N LEU A 137 -0.34 -20.29 29.59
CA LEU A 137 0.78 -20.66 30.46
C LEU A 137 0.37 -20.91 31.91
N SER B 12 -20.50 0.61 -10.92
CA SER B 12 -20.51 1.90 -10.19
C SER B 12 -19.56 1.89 -9.00
N GLY B 13 -18.91 3.02 -8.76
CA GLY B 13 -17.95 3.13 -7.67
C GLY B 13 -18.52 3.09 -6.27
N LEU B 14 -17.64 2.90 -5.30
CA LEU B 14 -18.01 2.84 -3.89
C LEU B 14 -18.79 4.09 -3.44
N VAL B 15 -18.39 5.27 -3.93
CA VAL B 15 -19.08 6.51 -3.59
C VAL B 15 -19.29 7.36 -4.84
N PRO B 16 -20.29 8.26 -4.82
CA PRO B 16 -20.59 9.12 -5.97
C PRO B 16 -19.48 10.07 -6.35
N ARG B 17 -19.27 10.25 -7.65
CA ARG B 17 -18.23 11.14 -8.14
C ARG B 17 -18.52 12.56 -7.68
N GLY B 18 -17.50 13.25 -7.18
CA GLY B 18 -17.70 14.60 -6.71
C GLY B 18 -18.40 14.74 -5.37
N SER B 19 -18.74 13.61 -4.73
CA SER B 19 -19.43 13.69 -3.44
C SER B 19 -18.55 14.33 -2.36
N HIS B 20 -17.25 14.43 -2.62
CA HIS B 20 -16.36 15.03 -1.64
C HIS B 20 -16.59 16.54 -1.57
N ASP B 22 -19.67 17.76 -1.49
CA ASP B 22 -20.98 17.88 -0.85
C ASP B 22 -20.88 18.77 0.39
N ARG B 23 -22.00 19.40 0.77
CA ARG B 23 -22.02 20.26 1.95
C ARG B 23 -21.75 19.45 3.22
N THR B 24 -22.28 18.22 3.29
CA THR B 24 -22.01 17.37 4.43
C THR B 24 -21.52 16.01 3.94
N HIS B 25 -21.12 15.15 4.87
CA HIS B 25 -20.61 13.82 4.58
C HIS B 25 -21.74 12.81 4.35
N GLU B 26 -22.98 13.25 4.48
CA GLU B 26 -24.11 12.33 4.38
C GLU B 26 -24.20 11.39 3.19
N ARG B 27 -23.96 11.92 2.00
CA ARG B 27 -24.02 11.12 0.78
C ARG B 27 -22.93 10.05 0.74
N VAL B 28 -21.70 10.43 1.11
CA VAL B 28 -20.59 9.47 1.16
C VAL B 28 -20.92 8.36 2.17
N LEU B 29 -21.42 8.75 3.34
CA LEU B 29 -21.74 7.76 4.37
C LEU B 29 -22.82 6.76 3.92
N GLN B 30 -23.86 7.29 3.28
CA GLN B 30 -24.99 6.48 2.82
C GLN B 30 -24.56 5.52 1.73
N ALA B 31 -23.73 6.00 0.81
CA ALA B 31 -23.24 5.15 -0.26
C ALA B 31 -22.36 4.05 0.30
N ALA B 33 -22.40 2.71 3.38
CA ALA B 33 -23.24 1.80 4.16
C ALA B 33 -24.01 0.84 3.23
N GLU B 34 -24.52 1.39 2.13
CA GLU B 34 -25.28 0.62 1.15
C GLU B 34 -24.40 -0.35 0.38
N ASN B 35 -23.23 0.11 -0.05
CA ASN B 35 -22.36 -0.76 -0.82
C ASN B 35 -21.57 -1.77 0.02
N LEU B 36 -21.34 -1.46 1.29
CA LEU B 36 -20.56 -2.38 2.13
C LEU B 36 -21.39 -3.21 3.10
N GLY B 37 -22.62 -2.76 3.35
CA GLY B 37 -23.50 -3.48 4.27
C GLY B 37 -22.87 -3.75 5.62
N GLU B 38 -23.03 -4.98 6.09
CA GLU B 38 -22.46 -5.37 7.37
C GLU B 38 -20.94 -5.31 7.34
N GLY B 39 -20.37 -5.14 6.15
CA GLY B 39 -18.92 -5.04 6.02
C GLY B 39 -18.39 -3.63 6.25
N LEU B 40 -19.28 -2.67 6.47
CA LEU B 40 -18.84 -1.29 6.73
C LEU B 40 -17.94 -1.24 7.99
N PRO B 41 -16.70 -0.71 7.87
CA PRO B 41 -15.84 -0.65 9.07
C PRO B 41 -16.47 0.22 10.16
N ARG B 42 -16.33 -0.17 11.42
CA ARG B 42 -16.89 0.62 12.52
C ARG B 42 -16.30 2.03 12.57
N ALA B 43 -15.13 2.20 11.95
CA ALA B 43 -14.50 3.53 11.93
C ALA B 43 -15.29 4.54 11.09
N ILE B 44 -15.98 4.07 10.05
CA ILE B 44 -16.71 5.00 9.19
C ILE B 44 -17.82 5.78 9.88
N PRO B 45 -18.69 5.08 10.63
CA PRO B 45 -19.73 5.89 11.29
C PRO B 45 -19.09 6.87 12.27
N LEU B 46 -17.99 6.46 12.90
CA LEU B 46 -17.29 7.33 13.85
C LEU B 46 -16.68 8.56 13.18
N LEU B 47 -16.16 8.39 11.96
CA LEU B 47 -15.61 9.53 11.23
C LEU B 47 -16.74 10.48 10.91
N ALA B 48 -17.86 9.91 10.45
CA ALA B 48 -19.01 10.72 10.09
C ALA B 48 -19.43 11.59 11.27
N GLU B 49 -19.41 11.02 12.46
CA GLU B 49 -19.82 11.73 13.67
C GLU B 49 -18.75 12.71 14.20
N LYS B 50 -17.49 12.30 14.17
CA LYS B 50 -16.44 13.11 14.76
C LYS B 50 -15.41 13.77 13.87
N ALA B 51 -15.26 13.28 12.65
CA ALA B 51 -14.30 13.88 11.73
C ALA B 51 -14.83 13.75 10.31
N PRO B 52 -15.95 14.41 10.02
CA PRO B 52 -16.56 14.36 8.69
C PRO B 52 -15.63 14.76 7.57
N GLY B 53 -14.75 15.72 7.83
CA GLY B 53 -13.79 16.15 6.82
C GLY B 53 -12.89 15.01 6.36
N LEU B 54 -12.50 14.14 7.29
CA LEU B 54 -11.67 12.99 6.96
C LEU B 54 -12.50 11.95 6.18
N LEU B 55 -13.78 11.79 6.51
CA LEU B 55 -14.61 10.86 5.75
C LEU B 55 -14.75 11.38 4.29
N LEU B 56 -14.89 12.69 4.13
CA LEU B 56 -14.98 13.27 2.79
C LEU B 56 -13.68 13.09 2.02
N GLU B 57 -12.55 13.27 2.70
CA GLU B 57 -11.25 13.10 2.05
C GLU B 57 -11.05 11.62 1.70
N HIS B 58 -11.57 10.74 2.56
CA HIS B 58 -11.48 9.29 2.31
C HIS B 58 -12.20 9.03 0.98
N GLY B 59 -13.37 9.64 0.82
CA GLY B 59 -14.11 9.46 -0.43
C GLY B 59 -13.38 10.09 -1.61
N ARG B 60 -12.82 11.27 -1.41
CA ARG B 60 -12.10 11.94 -2.48
C ARG B 60 -10.92 11.11 -2.94
N SER B 61 -10.16 10.59 -1.98
CA SER B 61 -8.97 9.81 -2.28
C SER B 61 -9.36 8.49 -2.95
N TRP B 62 -10.47 7.92 -2.51
CA TRP B 62 -10.94 6.68 -3.13
C TRP B 62 -11.26 6.90 -4.61
N THR B 63 -12.01 7.95 -4.91
CA THR B 63 -12.38 8.22 -6.30
C THR B 63 -11.21 8.70 -7.16
N TYR B 64 -10.19 9.26 -6.53
CA TYR B 64 -9.00 9.66 -7.29
C TYR B 64 -8.32 8.39 -7.78
N ALA B 65 -8.13 7.42 -6.88
CA ALA B 65 -7.48 6.17 -7.26
C ALA B 65 -8.29 5.35 -8.25
N PRO B 67 -11.43 6.11 -10.46
CA PRO B 67 -12.47 6.94 -11.05
C PRO B 67 -13.47 6.14 -11.88
N GLU B 68 -14.63 6.71 -12.11
CA GLU B 68 -15.65 6.04 -12.91
C GLU B 68 -15.01 5.85 -14.26
N LYS B 69 -15.21 4.71 -14.88
CA LYS B 69 -14.60 4.52 -16.19
C LYS B 69 -13.10 4.82 -16.11
N GLY B 70 -12.39 4.03 -15.32
CA GLY B 70 -10.94 4.23 -15.18
C GLY B 70 -10.29 3.15 -16.02
N ALA B 71 -9.08 2.74 -15.64
CA ALA B 71 -8.40 1.71 -16.41
C ALA B 71 -8.87 0.30 -16.08
N LEU B 72 -9.31 0.08 -14.84
CA LEU B 72 -9.75 -1.24 -14.41
C LEU B 72 -11.20 -1.25 -13.95
N ASP B 73 -11.92 -2.34 -14.20
CA ASP B 73 -13.32 -2.45 -13.80
C ASP B 73 -13.41 -2.68 -12.28
N GLU B 74 -14.61 -2.53 -11.73
CA GLU B 74 -14.80 -2.70 -10.30
C GLU B 74 -14.46 -4.09 -9.80
N LYS B 75 -14.66 -5.11 -10.62
CA LYS B 75 -14.31 -6.45 -10.18
C LYS B 75 -12.81 -6.52 -9.92
N THR B 76 -12.00 -6.12 -10.91
CA THR B 76 -10.56 -6.15 -10.75
C THR B 76 -10.12 -5.26 -9.56
N ARG B 77 -10.67 -4.07 -9.46
CA ARG B 77 -10.33 -3.18 -8.35
C ARG B 77 -10.60 -3.83 -6.99
N THR B 78 -11.76 -4.47 -6.88
CA THR B 78 -12.15 -5.13 -5.63
C THR B 78 -11.26 -6.30 -5.28
N LEU B 79 -10.88 -7.11 -6.28
CA LEU B 79 -10.03 -8.26 -6.00
C LEU B 79 -8.60 -7.79 -5.63
N ILE B 80 -8.14 -6.70 -6.24
CA ILE B 80 -6.82 -6.17 -5.88
C ILE B 80 -6.87 -5.70 -4.41
N LEU B 81 -7.92 -4.97 -4.04
CA LEU B 81 -8.03 -4.51 -2.66
C LEU B 81 -8.18 -5.66 -1.67
N LEU B 82 -8.91 -6.70 -2.09
CA LEU B 82 -9.12 -7.86 -1.22
C LEU B 82 -7.81 -8.62 -1.01
N GLY B 83 -7.07 -8.77 -2.11
CA GLY B 83 -5.78 -9.44 -2.03
C GLY B 83 -4.84 -8.70 -1.09
N ILE B 84 -4.79 -7.37 -1.23
CA ILE B 84 -3.93 -6.58 -0.36
C ILE B 84 -4.36 -6.75 1.10
N ALA B 85 -5.67 -6.69 1.34
CA ALA B 85 -6.21 -6.80 2.69
C ALA B 85 -5.79 -8.11 3.36
N LEU B 86 -5.91 -9.21 2.64
CA LEU B 86 -5.54 -10.53 3.15
C LEU B 86 -4.03 -10.61 3.40
N ALA B 87 -3.24 -10.12 2.45
CA ALA B 87 -1.80 -10.16 2.57
C ALA B 87 -1.27 -9.29 3.70
N THR B 88 -1.96 -8.20 4.02
CA THR B 88 -1.49 -7.31 5.09
C THR B 88 -2.21 -7.57 6.41
N GLY B 89 -3.16 -8.49 6.41
CA GLY B 89 -3.88 -8.78 7.62
C GLY B 89 -4.75 -7.65 8.13
N SER B 90 -5.29 -6.83 7.23
CA SER B 90 -6.17 -5.74 7.66
C SER B 90 -7.57 -6.35 7.78
N GLU B 91 -7.97 -6.64 9.01
CA GLU B 91 -9.27 -7.27 9.23
C GLU B 91 -10.44 -6.46 8.70
N ALA B 92 -10.42 -5.15 8.96
CA ALA B 92 -11.51 -4.29 8.53
C ALA B 92 -11.65 -4.26 7.01
N CYS B 93 -10.51 -4.29 6.32
CA CYS B 93 -10.53 -4.27 4.86
C CYS B 93 -10.95 -5.62 4.28
N VAL B 94 -10.53 -6.73 4.89
CA VAL B 94 -10.92 -8.04 4.40
C VAL B 94 -12.45 -8.13 4.47
N LYS B 95 -13.02 -7.78 5.61
CA LYS B 95 -14.47 -7.86 5.78
C LYS B 95 -15.19 -6.92 4.81
N ALA B 96 -14.70 -5.70 4.70
CA ALA B 96 -15.33 -4.76 3.80
C ALA B 96 -15.28 -5.21 2.33
N ALA B 98 -14.88 -8.25 1.15
CA ALA B 98 -15.60 -9.49 0.97
C ALA B 98 -17.08 -9.14 0.76
N HIS B 99 -17.60 -8.21 1.56
CA HIS B 99 -19.00 -7.81 1.39
C HIS B 99 -19.23 -7.04 0.13
N ARG B 100 -18.26 -6.20 -0.22
CA ARG B 100 -18.32 -5.43 -1.46
C ARG B 100 -18.39 -6.43 -2.62
N ALA B 101 -17.47 -7.40 -2.62
CA ALA B 101 -17.44 -8.44 -3.65
C ALA B 101 -18.75 -9.19 -3.75
N LYS B 102 -19.32 -9.56 -2.60
CA LYS B 102 -20.59 -10.28 -2.61
C LYS B 102 -21.68 -9.43 -3.24
N ARG B 103 -21.77 -8.17 -2.82
CA ARG B 103 -22.78 -7.26 -3.36
C ARG B 103 -22.59 -6.97 -4.85
N LEU B 104 -21.35 -7.03 -5.32
CA LEU B 104 -21.08 -6.81 -6.74
C LEU B 104 -21.36 -8.10 -7.49
N GLY B 105 -21.56 -9.20 -6.76
CA GLY B 105 -21.85 -10.47 -7.41
C GLY B 105 -20.66 -11.20 -7.97
N LEU B 106 -19.49 -10.99 -7.39
CA LEU B 106 -18.28 -11.67 -7.85
C LEU B 106 -18.39 -13.17 -7.53
N SER B 107 -17.89 -14.01 -8.43
CA SER B 107 -17.99 -15.46 -8.25
C SER B 107 -17.16 -16.07 -7.12
N LYS B 108 -17.66 -17.15 -6.55
CA LYS B 108 -16.95 -17.83 -5.47
C LYS B 108 -15.57 -18.22 -5.96
N GLU B 109 -15.50 -18.68 -7.21
CA GLU B 109 -14.22 -19.11 -7.78
C GLU B 109 -13.19 -17.97 -7.88
N ALA B 110 -13.65 -16.79 -8.25
CA ALA B 110 -12.77 -15.64 -8.39
C ALA B 110 -12.25 -15.21 -7.03
N LEU B 111 -13.13 -15.24 -6.03
CA LEU B 111 -12.75 -14.85 -4.68
C LEU B 111 -11.78 -15.85 -4.05
N LEU B 112 -12.00 -17.13 -4.30
CA LEU B 112 -11.09 -18.15 -3.77
C LEU B 112 -9.76 -18.08 -4.47
N GLU B 113 -9.75 -17.74 -5.75
CA GLU B 113 -8.48 -17.64 -6.45
C GLU B 113 -7.72 -16.43 -5.90
N THR B 114 -8.45 -15.39 -5.51
CA THR B 114 -7.79 -14.19 -4.94
C THR B 114 -7.16 -14.57 -3.60
N LEU B 115 -7.88 -15.37 -2.82
CA LEU B 115 -7.31 -15.81 -1.54
C LEU B 115 -6.05 -16.63 -1.79
N LYS B 116 -6.11 -17.56 -2.76
CA LYS B 116 -4.91 -18.38 -3.07
C LYS B 116 -3.73 -17.52 -3.52
N ILE B 117 -4.03 -16.48 -4.30
CA ILE B 117 -2.98 -15.58 -4.80
C ILE B 117 -2.34 -14.76 -3.68
N ALA B 118 -3.16 -14.25 -2.75
CA ALA B 118 -2.64 -13.48 -1.62
C ALA B 118 -1.73 -14.39 -0.78
N ARG B 119 -2.15 -15.64 -0.60
CA ARG B 119 -1.36 -16.57 0.18
C ARG B 119 -0.01 -16.84 -0.52
N GLN B 120 -0.07 -17.04 -1.83
CA GLN B 120 1.14 -17.28 -2.62
C GLN B 120 2.05 -16.06 -2.59
N ALA B 121 1.45 -14.88 -2.64
CA ALA B 121 2.23 -13.64 -2.63
C ALA B 121 3.10 -13.54 -1.36
N GLN B 122 2.48 -13.83 -0.20
CA GLN B 122 3.20 -13.73 1.06
C GLN B 122 4.35 -14.75 1.10
N ALA B 123 4.13 -15.94 0.54
CA ALA B 123 5.16 -16.98 0.48
C ALA B 123 6.25 -16.51 -0.47
N ASN B 124 5.85 -15.96 -1.63
CA ASN B 124 6.80 -15.43 -2.61
C ASN B 124 7.78 -14.41 -2.01
N ALA B 125 7.24 -13.51 -1.19
CA ALA B 125 8.03 -12.46 -0.58
C ALA B 125 9.14 -13.01 0.31
N VAL B 126 8.84 -14.09 1.05
CA VAL B 126 9.87 -14.66 1.91
C VAL B 126 11.07 -15.12 1.05
N LEU B 127 10.80 -15.80 -0.07
CA LEU B 127 11.90 -16.23 -0.93
C LEU B 127 12.61 -15.00 -1.49
N GLY B 128 11.83 -13.96 -1.86
CA GLY B 128 12.45 -12.73 -2.36
C GLY B 128 13.42 -12.09 -1.37
N HIS B 129 13.21 -12.32 -0.07
CA HIS B 129 14.06 -11.75 0.98
C HIS B 129 15.18 -12.70 1.39
N ALA B 130 15.24 -13.87 0.75
CA ALA B 130 16.21 -14.90 1.13
C ALA B 130 17.61 -14.86 0.53
N ALA B 131 17.87 -13.95 -0.40
CA ALA B 131 19.19 -13.90 -1.02
C ALA B 131 20.37 -13.92 -0.03
N PRO B 132 20.36 -13.05 0.97
CA PRO B 132 21.46 -13.03 1.94
C PRO B 132 21.70 -14.37 2.64
N LEU B 133 20.64 -15.11 2.90
CA LEU B 133 20.79 -16.42 3.55
C LEU B 133 21.34 -17.44 2.57
N LEU B 134 20.71 -17.56 1.41
CA LEU B 134 21.12 -18.53 0.40
C LEU B 134 22.57 -18.27 -0.01
N GLU B 135 22.96 -17.00 0.05
CA GLU B 135 24.31 -16.59 -0.31
C GLU B 135 25.38 -17.32 0.49
N VAL B 136 25.13 -17.54 1.79
CA VAL B 136 26.11 -18.21 2.65
C VAL B 136 25.96 -19.73 2.72
N LEU B 137 24.91 -20.27 2.10
CA LEU B 137 24.72 -21.72 2.11
C LEU B 137 25.70 -22.35 1.15
N GLU C 26 17.40 -25.97 -14.87
CA GLU C 26 16.08 -26.65 -14.97
C GLU C 26 15.10 -25.82 -15.80
N ARG C 27 13.92 -26.37 -16.06
CA ARG C 27 12.90 -25.67 -16.86
C ARG C 27 12.02 -24.76 -16.02
N VAL C 28 12.03 -24.95 -14.70
CA VAL C 28 11.24 -24.09 -13.84
C VAL C 28 12.02 -22.79 -13.77
N LEU C 29 13.34 -22.90 -13.79
CA LEU C 29 14.22 -21.75 -13.72
C LEU C 29 14.25 -21.00 -15.06
N GLN C 30 14.32 -21.76 -16.15
CA GLN C 30 14.35 -21.16 -17.49
C GLN C 30 13.07 -20.35 -17.77
N ALA C 31 11.93 -20.96 -17.46
CA ALA C 31 10.63 -20.33 -17.67
C ALA C 31 10.47 -19.04 -16.87
N ALA C 33 13.04 -17.11 -15.77
CA ALA C 33 13.96 -16.13 -16.34
C ALA C 33 13.29 -15.62 -17.63
N GLU C 34 12.52 -16.52 -18.25
CA GLU C 34 11.78 -16.22 -19.48
C GLU C 34 10.82 -15.05 -19.32
N ASN C 35 9.83 -15.22 -18.44
CA ASN C 35 8.79 -14.23 -18.23
C ASN C 35 9.04 -13.12 -17.20
N LEU C 36 10.26 -13.03 -16.66
CA LEU C 36 10.57 -11.97 -15.69
C LEU C 36 11.76 -11.12 -16.12
N GLY C 37 12.63 -11.70 -16.93
CA GLY C 37 13.80 -10.97 -17.39
C GLY C 37 14.65 -10.33 -16.31
N GLU C 38 14.93 -9.04 -16.46
CA GLU C 38 15.75 -8.27 -15.53
C GLU C 38 15.09 -8.19 -14.15
N GLY C 39 13.82 -8.56 -14.07
CA GLY C 39 13.14 -8.51 -12.79
C GLY C 39 13.18 -9.83 -12.03
N LEU C 40 13.95 -10.79 -12.53
CA LEU C 40 14.04 -12.09 -11.84
C LEU C 40 14.73 -11.85 -10.50
N PRO C 41 14.10 -12.24 -9.38
CA PRO C 41 14.73 -12.04 -8.07
C PRO C 41 16.11 -12.73 -7.98
N ARG C 42 17.05 -12.05 -7.33
CA ARG C 42 18.41 -12.56 -7.12
C ARG C 42 18.36 -13.90 -6.39
N ALA C 43 17.31 -14.13 -5.62
CA ALA C 43 17.19 -15.40 -4.91
C ALA C 43 16.81 -16.59 -5.81
N ILE C 44 16.21 -16.36 -6.97
CA ILE C 44 15.82 -17.50 -7.80
C ILE C 44 17.02 -18.31 -8.31
N PRO C 45 18.02 -17.66 -8.89
CA PRO C 45 19.15 -18.48 -9.35
C PRO C 45 19.80 -19.19 -8.17
N LEU C 46 19.91 -18.49 -7.04
CA LEU C 46 20.51 -19.08 -5.84
C LEU C 46 19.75 -20.31 -5.40
N LEU C 47 18.42 -20.27 -5.49
CA LEU C 47 17.62 -21.43 -5.12
C LEU C 47 17.91 -22.57 -6.08
N ALA C 48 17.97 -22.26 -7.38
CA ALA C 48 18.24 -23.29 -8.38
C ALA C 48 19.55 -24.00 -8.07
N GLU C 49 20.53 -23.22 -7.64
CA GLU C 49 21.85 -23.71 -7.33
C GLU C 49 21.94 -24.48 -6.00
N LYS C 50 21.35 -23.93 -4.94
CA LYS C 50 21.45 -24.55 -3.62
C LYS C 50 20.23 -25.24 -3.04
N ALA C 51 19.05 -24.92 -3.54
CA ALA C 51 17.85 -25.56 -3.02
C ALA C 51 16.86 -25.81 -4.14
N PRO C 52 17.26 -26.62 -5.14
CA PRO C 52 16.39 -26.94 -6.28
C PRO C 52 15.02 -27.47 -5.91
N GLY C 53 14.94 -28.21 -4.81
CA GLY C 53 13.65 -28.75 -4.40
C GLY C 53 12.68 -27.64 -4.02
N LEU C 54 13.22 -26.58 -3.43
CA LEU C 54 12.41 -25.45 -3.01
C LEU C 54 11.96 -24.66 -4.25
N LEU C 55 12.82 -24.57 -5.26
CA LEU C 55 12.43 -23.87 -6.47
C LEU C 55 11.28 -24.60 -7.15
N LEU C 56 11.28 -25.94 -7.12
CA LEU C 56 10.19 -26.72 -7.72
C LEU C 56 8.90 -26.55 -6.95
N GLU C 57 9.01 -26.53 -5.63
CA GLU C 57 7.84 -26.37 -4.77
C GLU C 57 7.24 -24.99 -5.04
N HIS C 58 8.11 -24.00 -5.20
CA HIS C 58 7.67 -22.64 -5.50
C HIS C 58 6.85 -22.69 -6.79
N GLY C 59 7.39 -23.33 -7.82
CA GLY C 59 6.67 -23.44 -9.08
C GLY C 59 5.36 -24.20 -8.93
N ARG C 60 5.37 -25.26 -8.11
CA ARG C 60 4.16 -26.04 -7.92
C ARG C 60 3.05 -25.28 -7.20
N SER C 61 3.40 -24.59 -6.12
CA SER C 61 2.39 -23.83 -5.38
C SER C 61 1.85 -22.69 -6.25
N TRP C 62 2.72 -22.05 -7.02
CA TRP C 62 2.28 -20.97 -7.90
C TRP C 62 1.18 -21.50 -8.84
N THR C 63 1.45 -22.61 -9.52
CA THR C 63 0.47 -23.19 -10.43
C THR C 63 -0.80 -23.63 -9.74
N TYR C 64 -0.69 -24.07 -8.48
CA TYR C 64 -1.88 -24.46 -7.74
C TYR C 64 -2.75 -23.22 -7.47
N ALA C 65 -2.11 -22.11 -7.16
CA ALA C 65 -2.88 -20.91 -6.86
C ALA C 65 -3.45 -20.27 -8.13
N PRO C 67 -3.91 -21.68 -11.72
CA PRO C 67 -3.90 -22.71 -12.78
C PRO C 67 -4.23 -22.18 -14.18
N GLU C 68 -3.81 -22.92 -15.20
CA GLU C 68 -4.14 -22.51 -16.55
C GLU C 68 -5.66 -22.62 -16.64
N LYS C 69 -6.27 -21.70 -17.37
CA LYS C 69 -7.73 -21.67 -17.49
C LYS C 69 -8.39 -21.71 -16.11
N GLY C 70 -8.05 -20.74 -15.26
CA GLY C 70 -8.62 -20.69 -13.94
C GLY C 70 -9.73 -19.65 -13.84
N ALA C 71 -9.89 -19.07 -12.65
CA ALA C 71 -10.94 -18.07 -12.44
C ALA C 71 -10.58 -16.68 -12.94
N LEU C 72 -9.30 -16.32 -12.92
CA LEU C 72 -8.87 -14.99 -13.35
C LEU C 72 -7.83 -15.06 -14.45
N ASP C 73 -7.83 -14.07 -15.35
CA ASP C 73 -6.85 -14.04 -16.42
C ASP C 73 -5.50 -13.59 -15.88
N GLU C 74 -4.44 -13.83 -16.66
CA GLU C 74 -3.10 -13.45 -16.25
C GLU C 74 -2.92 -11.98 -15.96
N LYS C 75 -3.70 -11.12 -16.60
CA LYS C 75 -3.60 -9.68 -16.35
C LYS C 75 -4.04 -9.37 -14.92
N THR C 76 -5.23 -9.83 -14.55
CA THR C 76 -5.77 -9.61 -13.22
C THR C 76 -4.86 -10.24 -12.18
N ARG C 77 -4.36 -11.44 -12.46
CA ARG C 77 -3.48 -12.11 -11.53
C ARG C 77 -2.25 -11.25 -11.26
N THR C 78 -1.64 -10.74 -12.34
CA THR C 78 -0.46 -9.92 -12.23
C THR C 78 -0.71 -8.62 -11.47
N LEU C 79 -1.84 -7.98 -11.74
CA LEU C 79 -2.15 -6.74 -11.06
C LEU C 79 -2.39 -6.99 -9.56
N ILE C 80 -2.99 -8.14 -9.22
CA ILE C 80 -3.22 -8.42 -7.80
C ILE C 80 -1.86 -8.64 -7.11
N LEU C 81 -0.99 -9.42 -7.72
CA LEU C 81 0.33 -9.66 -7.15
C LEU C 81 1.11 -8.35 -7.06
N LEU C 82 0.97 -7.49 -8.08
CA LEU C 82 1.69 -6.22 -8.06
C LEU C 82 1.17 -5.34 -6.92
N GLY C 83 -0.14 -5.26 -6.79
CA GLY C 83 -0.76 -4.47 -5.74
C GLY C 83 -0.26 -4.94 -4.38
N ILE C 84 -0.26 -6.25 -4.17
CA ILE C 84 0.19 -6.77 -2.88
C ILE C 84 1.65 -6.43 -2.62
N ALA C 85 2.52 -6.64 -3.62
CA ALA C 85 3.95 -6.38 -3.46
C ALA C 85 4.21 -4.93 -3.06
N LEU C 86 3.46 -4.01 -3.65
CA LEU C 86 3.62 -2.59 -3.33
C LEU C 86 3.14 -2.31 -1.92
N ALA C 87 2.02 -2.90 -1.56
CA ALA C 87 1.43 -2.69 -0.23
C ALA C 87 2.28 -3.27 0.88
N THR C 88 2.97 -4.37 0.60
CA THR C 88 3.80 -5.03 1.61
C THR C 88 5.27 -4.63 1.57
N GLY C 89 5.65 -3.81 0.61
CA GLY C 89 7.02 -3.37 0.54
C GLY C 89 8.01 -4.44 0.11
N SER C 90 7.56 -5.42 -0.66
CA SER C 90 8.45 -6.48 -1.14
C SER C 90 9.14 -5.99 -2.41
N GLU C 91 10.36 -5.49 -2.24
CA GLU C 91 11.11 -4.96 -3.37
C GLU C 91 11.27 -5.98 -4.48
N ALA C 92 11.61 -7.21 -4.13
CA ALA C 92 11.79 -8.25 -5.16
C ALA C 92 10.52 -8.54 -5.95
N CYS C 93 9.38 -8.55 -5.28
CA CYS C 93 8.12 -8.83 -5.99
C CYS C 93 7.64 -7.65 -6.79
N VAL C 94 7.91 -6.43 -6.31
CA VAL C 94 7.47 -5.27 -7.08
C VAL C 94 8.21 -5.30 -8.40
N LYS C 95 9.53 -5.45 -8.36
CA LYS C 95 10.31 -5.47 -9.59
C LYS C 95 9.90 -6.63 -10.48
N ALA C 96 9.75 -7.81 -9.88
CA ALA C 96 9.38 -8.99 -10.64
C ALA C 96 8.02 -8.88 -11.30
N ALA C 98 6.50 -6.10 -11.96
CA ALA C 98 6.53 -4.96 -12.91
C ALA C 98 7.02 -5.46 -14.28
N HIS C 99 8.09 -6.24 -14.28
CA HIS C 99 8.65 -6.76 -15.53
C HIS C 99 7.71 -7.76 -16.19
N ARG C 100 7.07 -8.56 -15.36
CA ARG C 100 6.12 -9.55 -15.81
C ARG C 100 4.96 -8.82 -16.52
N ALA C 101 4.46 -7.76 -15.90
CA ALA C 101 3.35 -7.01 -16.47
C ALA C 101 3.70 -6.43 -17.85
N LYS C 102 4.89 -5.87 -17.95
CA LYS C 102 5.35 -5.29 -19.21
C LYS C 102 5.50 -6.38 -20.27
N ARG C 103 5.91 -7.57 -19.87
CA ARG C 103 6.06 -8.65 -20.85
C ARG C 103 4.70 -9.12 -21.33
N LEU C 104 3.70 -9.07 -20.46
CA LEU C 104 2.34 -9.46 -20.84
C LEU C 104 1.63 -8.36 -21.65
N GLY C 105 2.25 -7.18 -21.73
CA GLY C 105 1.64 -6.09 -22.47
C GLY C 105 0.58 -5.28 -21.73
N LEU C 106 0.65 -5.29 -20.39
CA LEU C 106 -0.32 -4.53 -19.60
C LEU C 106 -0.07 -3.04 -19.87
N SER C 107 -1.14 -2.25 -19.96
CA SER C 107 -1.01 -0.83 -20.25
C SER C 107 -0.48 -0.01 -19.10
N LYS C 108 0.14 1.12 -19.45
CA LYS C 108 0.69 2.03 -18.47
C LYS C 108 -0.43 2.53 -17.55
N GLU C 109 -1.61 2.77 -18.11
CA GLU C 109 -2.74 3.24 -17.31
C GLU C 109 -3.17 2.21 -16.27
N ALA C 110 -3.19 0.94 -16.67
CA ALA C 110 -3.56 -0.15 -15.78
C ALA C 110 -2.54 -0.31 -14.64
N LEU C 111 -1.27 -0.11 -14.95
CA LEU C 111 -0.23 -0.27 -13.94
C LEU C 111 -0.24 0.92 -12.99
N LEU C 112 -0.46 2.13 -13.51
CA LEU C 112 -0.50 3.27 -12.62
C LEU C 112 -1.76 3.24 -11.77
N GLU C 113 -2.86 2.70 -12.31
CA GLU C 113 -4.09 2.64 -11.53
C GLU C 113 -3.86 1.62 -10.40
N THR C 114 -3.15 0.54 -10.71
CA THR C 114 -2.85 -0.46 -9.69
C THR C 114 -2.00 0.15 -8.55
N LEU C 115 -1.08 1.02 -8.91
CA LEU C 115 -0.25 1.70 -7.91
C LEU C 115 -1.12 2.62 -7.03
N LYS C 116 -2.04 3.38 -7.64
CA LYS C 116 -2.90 4.28 -6.88
C LYS C 116 -3.78 3.47 -5.92
N ILE C 117 -4.22 2.30 -6.40
CA ILE C 117 -5.05 1.43 -5.59
C ILE C 117 -4.29 0.87 -4.40
N ALA C 118 -3.03 0.47 -4.60
CA ALA C 118 -2.23 -0.08 -3.49
C ALA C 118 -2.00 1.03 -2.48
N ARG C 119 -1.78 2.24 -2.99
CA ARG C 119 -1.53 3.40 -2.13
C ARG C 119 -2.76 3.68 -1.26
N GLN C 120 -3.93 3.62 -1.88
CA GLN C 120 -5.20 3.86 -1.17
C GLN C 120 -5.50 2.74 -0.17
N ALA C 121 -5.17 1.50 -0.53
CA ALA C 121 -5.40 0.34 0.35
C ALA C 121 -4.65 0.52 1.68
N GLN C 122 -3.41 1.00 1.58
CA GLN C 122 -2.63 1.21 2.79
C GLN C 122 -3.23 2.34 3.64
N ALA C 123 -3.77 3.36 2.98
CA ALA C 123 -4.39 4.48 3.68
C ALA C 123 -5.68 3.95 4.31
N ASN C 124 -6.43 3.17 3.53
CA ASN C 124 -7.69 2.58 4.02
C ASN C 124 -7.48 1.78 5.32
N ALA C 125 -6.41 0.98 5.37
CA ALA C 125 -6.16 0.14 6.54
C ALA C 125 -5.91 0.94 7.82
N VAL C 126 -5.33 2.13 7.69
CA VAL C 126 -5.12 2.97 8.87
C VAL C 126 -6.49 3.41 9.39
N LEU C 127 -7.40 3.79 8.49
CA LEU C 127 -8.72 4.22 8.95
C LEU C 127 -9.43 3.04 9.58
N GLY C 128 -9.22 1.85 8.99
CA GLY C 128 -9.83 0.64 9.52
C GLY C 128 -9.37 0.33 10.94
N HIS C 129 -8.14 0.71 11.27
CA HIS C 129 -7.62 0.49 12.62
C HIS C 129 -7.89 1.65 13.57
N ALA C 130 -8.57 2.69 13.10
CA ALA C 130 -8.79 3.87 13.96
C ALA C 130 -9.98 3.88 14.89
N ALA C 131 -10.87 2.89 14.82
CA ALA C 131 -12.06 2.93 15.70
C ALA C 131 -11.76 3.19 17.19
N PRO C 132 -10.83 2.45 17.78
CA PRO C 132 -10.52 2.68 19.21
C PRO C 132 -10.13 4.12 19.54
N LEU C 133 -9.48 4.81 18.59
CA LEU C 133 -9.08 6.19 18.79
C LEU C 133 -10.28 7.14 18.64
N LEU C 134 -11.02 6.98 17.54
CA LEU C 134 -12.19 7.81 17.30
C LEU C 134 -13.21 7.71 18.47
N GLU C 135 -13.35 6.52 19.04
CA GLU C 135 -14.28 6.32 20.15
C GLU C 135 -14.00 7.24 21.33
N VAL C 136 -12.73 7.59 21.56
CA VAL C 136 -12.42 8.46 22.71
C VAL C 136 -12.51 9.96 22.46
N LEU C 137 -12.80 10.35 21.23
CA LEU C 137 -12.90 11.78 20.90
C LEU C 137 -14.30 12.33 21.15
#